data_2KLZ
#
_entry.id   2KLZ
#
_entity_poly.entity_id   1
_entity_poly.type   'polypeptide(L)'
_entity_poly.pdbx_seq_one_letter_code
;GSLDEDEEDLQRALALSRQEIDMEDEEADLRRAIQLSMQGSSRNLEHHHHHH
;
_entity_poly.pdbx_strand_id   A
#
# COMPACT_ATOMS: atom_id res chain seq x y z
N GLY A 1 15.81 1.06 17.95
CA GLY A 1 15.72 0.54 16.56
C GLY A 1 14.31 0.13 16.19
N SER A 2 13.36 1.03 16.44
CA SER A 2 11.96 0.77 16.14
C SER A 2 11.70 0.96 14.65
N LEU A 3 11.61 -0.15 13.94
CA LEU A 3 11.34 -0.12 12.50
C LEU A 3 9.86 0.14 12.26
N ASP A 4 9.06 -0.36 13.19
CA ASP A 4 7.61 -0.22 13.15
C ASP A 4 7.21 1.25 13.14
N GLU A 5 7.99 2.07 13.84
CA GLU A 5 7.76 3.51 13.89
C GLU A 5 7.63 4.09 12.48
N ASP A 6 8.61 3.81 11.64
CA ASP A 6 8.61 4.30 10.26
C ASP A 6 7.53 3.59 9.45
N GLU A 7 7.29 2.33 9.79
CA GLU A 7 6.29 1.53 9.10
C GLU A 7 4.88 2.03 9.39
N GLU A 8 4.67 2.58 10.59
CA GLU A 8 3.40 3.22 10.92
C GLU A 8 3.07 4.31 9.93
N ASP A 9 4.04 5.18 9.67
CA ASP A 9 3.84 6.28 8.74
C ASP A 9 3.86 5.78 7.29
N LEU A 10 4.60 4.69 7.05
CA LEU A 10 4.67 4.09 5.73
C LEU A 10 3.31 3.55 5.32
N GLN A 11 2.69 2.77 6.21
CA GLN A 11 1.37 2.22 5.92
C GLN A 11 0.32 3.33 6.00
N ARG A 12 0.65 4.40 6.71
CA ARG A 12 -0.16 5.61 6.71
C ARG A 12 -0.19 6.19 5.31
N ALA A 13 0.99 6.36 4.72
CA ALA A 13 1.12 6.84 3.35
C ALA A 13 0.36 5.95 2.38
N LEU A 14 0.43 4.63 2.60
CA LEU A 14 -0.30 3.68 1.78
C LEU A 14 -1.81 3.91 1.89
N ALA A 15 -2.31 3.98 3.12
CA ALA A 15 -3.73 4.23 3.37
C ALA A 15 -4.12 5.61 2.82
N LEU A 16 -3.20 6.54 2.93
CA LEU A 16 -3.40 7.88 2.41
C LEU A 16 -3.65 7.83 0.90
N SER A 17 -2.78 7.14 0.18
CA SER A 17 -2.92 6.99 -1.26
C SER A 17 -4.14 6.13 -1.61
N ARG A 18 -4.55 5.26 -0.69
CA ARG A 18 -5.74 4.45 -0.86
C ARG A 18 -6.96 5.33 -1.04
N GLN A 19 -7.09 6.34 -0.17
CA GLN A 19 -8.22 7.26 -0.25
C GLN A 19 -7.98 8.34 -1.31
N GLU A 20 -6.71 8.58 -1.65
CA GLU A 20 -6.38 9.48 -2.75
C GLU A 20 -6.98 8.95 -4.05
N ILE A 21 -6.67 7.71 -4.37
CA ILE A 21 -7.18 7.09 -5.57
C ILE A 21 -8.62 6.62 -5.36
N ASP A 22 -8.77 5.52 -4.63
CA ASP A 22 -10.06 4.85 -4.42
C ASP A 22 -10.91 4.92 -5.69
N MET A 23 -10.40 4.34 -6.77
CA MET A 23 -11.04 4.43 -8.07
C MET A 23 -10.84 3.12 -8.82
N GLU A 24 -11.94 2.44 -9.12
CA GLU A 24 -11.89 1.08 -9.63
C GLU A 24 -11.85 1.03 -11.16
N ASP A 25 -10.85 1.66 -11.77
CA ASP A 25 -10.67 1.58 -13.22
C ASP A 25 -9.20 1.43 -13.61
N GLU A 26 -8.56 2.51 -14.03
CA GLU A 26 -7.16 2.48 -14.42
C GLU A 26 -6.31 2.71 -13.18
N GLU A 27 -6.78 3.63 -12.36
CA GLU A 27 -6.18 3.91 -11.07
C GLU A 27 -6.22 2.67 -10.18
N ALA A 28 -7.16 1.77 -10.48
CA ALA A 28 -7.26 0.50 -9.77
C ALA A 28 -5.98 -0.31 -9.85
N ASP A 29 -5.16 -0.03 -10.86
CA ASP A 29 -3.85 -0.67 -10.97
C ASP A 29 -2.93 -0.14 -9.88
N LEU A 30 -2.95 1.17 -9.68
CA LEU A 30 -2.20 1.82 -8.61
C LEU A 30 -2.73 1.33 -7.27
N ARG A 31 -4.05 1.20 -7.18
CA ARG A 31 -4.72 0.64 -6.01
C ARG A 31 -4.17 -0.75 -5.71
N ARG A 32 -4.03 -1.56 -6.76
CA ARG A 32 -3.51 -2.91 -6.63
C ARG A 32 -2.03 -2.88 -6.23
N ALA A 33 -1.34 -1.82 -6.63
CA ALA A 33 0.07 -1.63 -6.28
C ALA A 33 0.23 -1.36 -4.79
N ILE A 34 -0.74 -0.65 -4.20
CA ILE A 34 -0.73 -0.43 -2.75
C ILE A 34 -0.94 -1.76 -2.05
N GLN A 35 -1.87 -2.55 -2.58
CA GLN A 35 -2.14 -3.87 -2.04
C GLN A 35 -0.88 -4.73 -2.13
N LEU A 36 -0.21 -4.65 -3.28
CA LEU A 36 1.02 -5.39 -3.53
C LEU A 36 2.08 -5.00 -2.48
N SER A 37 2.22 -3.70 -2.26
CA SER A 37 3.16 -3.18 -1.27
C SER A 37 2.79 -3.66 0.12
N MET A 38 1.50 -3.71 0.42
CA MET A 38 1.02 -4.17 1.71
C MET A 38 1.31 -5.65 1.92
N GLN A 39 1.44 -6.39 0.82
CA GLN A 39 1.76 -7.81 0.88
C GLN A 39 3.24 -8.00 1.23
N GLY A 40 3.96 -6.90 1.35
CA GLY A 40 5.36 -6.93 1.73
C GLY A 40 6.24 -7.48 0.64
N SER A 41 5.76 -7.36 -0.60
CA SER A 41 6.49 -7.90 -1.73
C SER A 41 7.25 -6.81 -2.47
N SER A 42 8.57 -6.90 -2.44
CA SER A 42 9.43 -6.00 -3.17
C SER A 42 9.97 -6.71 -4.41
N ARG A 43 11.17 -6.36 -4.87
CA ARG A 43 11.77 -7.04 -6.02
C ARG A 43 12.33 -8.42 -5.62
N ASN A 44 12.01 -8.85 -4.41
CA ASN A 44 12.47 -10.16 -3.93
C ASN A 44 11.54 -11.25 -4.43
N LEU A 45 11.66 -11.60 -5.70
CA LEU A 45 10.83 -12.63 -6.29
C LEU A 45 11.52 -13.98 -6.22
N GLU A 46 12.79 -14.01 -6.61
CA GLU A 46 13.57 -15.23 -6.59
C GLU A 46 14.61 -15.14 -5.48
N GLY A 1 10.41 -1.15 17.83
CA GLY A 1 11.88 -1.01 17.78
C GLY A 1 12.29 0.38 17.34
N SER A 2 12.49 0.55 16.04
CA SER A 2 12.89 1.84 15.51
C SER A 2 12.30 2.07 14.12
N LEU A 3 12.34 1.02 13.29
CA LEU A 3 11.84 1.12 11.91
C LEU A 3 10.32 1.15 11.91
N ASP A 4 9.73 0.64 12.99
CA ASP A 4 8.28 0.60 13.18
C ASP A 4 7.69 1.99 13.06
N GLU A 5 8.46 2.97 13.54
CA GLU A 5 8.04 4.36 13.51
C GLU A 5 7.78 4.81 12.08
N ASP A 6 8.68 4.43 11.17
CA ASP A 6 8.54 4.79 9.78
C ASP A 6 7.52 3.89 9.10
N GLU A 7 7.47 2.63 9.55
CA GLU A 7 6.48 1.68 9.07
C GLU A 7 5.07 2.24 9.18
N GLU A 8 4.77 2.87 10.31
CA GLU A 8 3.45 3.44 10.53
C GLU A 8 3.14 4.55 9.51
N ASP A 9 4.16 5.32 9.16
CA ASP A 9 3.98 6.41 8.21
C ASP A 9 3.90 5.84 6.79
N LEU A 10 4.71 4.84 6.51
CA LEU A 10 4.71 4.18 5.21
C LEU A 10 3.37 3.50 4.98
N GLN A 11 2.92 2.74 5.96
CA GLN A 11 1.63 2.07 5.88
C GLN A 11 0.50 3.09 5.82
N ARG A 12 0.69 4.21 6.50
CA ARG A 12 -0.26 5.32 6.43
C ARG A 12 -0.36 5.81 4.99
N ALA A 13 0.79 6.08 4.38
CA ALA A 13 0.85 6.54 3.00
C ALA A 13 0.17 5.56 2.04
N LEU A 14 0.21 4.27 2.38
CA LEU A 14 -0.44 3.24 1.57
C LEU A 14 -1.95 3.38 1.64
N ALA A 15 -2.47 3.40 2.85
CA ALA A 15 -3.91 3.58 3.06
C ALA A 15 -4.34 4.94 2.54
N LEU A 16 -3.46 5.92 2.74
CA LEU A 16 -3.65 7.28 2.25
C LEU A 16 -3.86 7.25 0.75
N SER A 17 -2.94 6.60 0.03
CA SER A 17 -3.00 6.50 -1.43
C SER A 17 -4.32 5.86 -1.88
N ARG A 18 -4.81 4.91 -1.09
CA ARG A 18 -6.05 4.21 -1.42
C ARG A 18 -7.27 5.11 -1.23
N GLN A 19 -7.27 5.89 -0.15
CA GLN A 19 -8.39 6.79 0.13
C GLN A 19 -8.27 8.04 -0.73
N GLU A 20 -7.11 8.23 -1.35
CA GLU A 20 -6.93 9.30 -2.32
C GLU A 20 -7.84 9.09 -3.52
N ILE A 21 -7.64 7.96 -4.19
CA ILE A 21 -8.41 7.63 -5.38
C ILE A 21 -8.92 6.20 -5.29
N ASP A 22 -10.20 6.03 -4.96
CA ASP A 22 -10.78 4.70 -4.83
C ASP A 22 -11.44 4.28 -6.15
N MET A 23 -11.08 4.98 -7.22
CA MET A 23 -11.61 4.71 -8.55
C MET A 23 -11.01 3.42 -9.13
N GLU A 24 -11.86 2.43 -9.39
CA GLU A 24 -11.39 1.15 -9.89
C GLU A 24 -11.24 1.16 -11.41
N ASP A 25 -10.21 1.85 -11.87
CA ASP A 25 -9.86 1.88 -13.29
C ASP A 25 -8.34 1.80 -13.41
N GLU A 26 -7.73 2.61 -14.28
CA GLU A 26 -6.28 2.68 -14.34
C GLU A 26 -5.73 3.18 -13.01
N GLU A 27 -6.53 3.97 -12.32
CA GLU A 27 -6.20 4.44 -10.99
C GLU A 27 -6.06 3.27 -10.01
N ALA A 28 -6.84 2.23 -10.26
CA ALA A 28 -6.86 1.07 -9.38
C ALA A 28 -5.54 0.33 -9.42
N ASP A 29 -4.83 0.44 -10.55
CA ASP A 29 -3.52 -0.19 -10.69
C ASP A 29 -2.57 0.31 -9.61
N LEU A 30 -2.57 1.62 -9.41
CA LEU A 30 -1.71 2.25 -8.42
C LEU A 30 -2.12 1.82 -7.02
N ARG A 31 -3.42 1.76 -6.78
CA ARG A 31 -3.95 1.41 -5.47
C ARG A 31 -3.75 -0.09 -5.21
N ARG A 32 -3.77 -0.86 -6.29
CA ARG A 32 -3.59 -2.31 -6.23
C ARG A 32 -2.14 -2.65 -5.94
N ALA A 33 -1.23 -1.89 -6.54
CA ALA A 33 0.19 -2.05 -6.24
C ALA A 33 0.45 -1.71 -4.78
N ILE A 34 -0.27 -0.72 -4.27
CA ILE A 34 -0.20 -0.34 -2.88
C ILE A 34 -0.82 -1.43 -2.01
N GLN A 35 -1.90 -2.03 -2.51
CA GLN A 35 -2.59 -3.11 -1.82
C GLN A 35 -1.66 -4.30 -1.61
N LEU A 36 -0.82 -4.55 -2.60
CA LEU A 36 0.16 -5.61 -2.53
C LEU A 36 1.29 -5.21 -1.60
N SER A 37 1.82 -4.01 -1.81
CA SER A 37 2.93 -3.49 -1.01
C SER A 37 2.52 -3.25 0.46
N MET A 38 1.22 -3.32 0.73
CA MET A 38 0.72 -3.13 2.07
C MET A 38 0.95 -4.36 2.92
N GLN A 39 1.06 -5.51 2.27
CA GLN A 39 1.28 -6.77 2.95
C GLN A 39 2.69 -7.28 2.69
N GLY A 40 3.10 -8.28 3.44
CA GLY A 40 4.44 -8.81 3.29
C GLY A 40 5.29 -8.58 4.53
N SER A 41 4.64 -8.13 5.60
CA SER A 41 5.34 -7.89 6.86
C SER A 41 5.34 -9.16 7.71
N SER A 42 5.47 -10.30 7.04
CA SER A 42 5.52 -11.59 7.70
C SER A 42 6.66 -12.41 7.11
N ARG A 43 7.58 -12.84 7.96
CA ARG A 43 8.76 -13.58 7.51
C ARG A 43 8.46 -15.07 7.41
N ASN A 44 7.21 -15.42 7.14
CA ASN A 44 6.80 -16.81 6.98
C ASN A 44 5.40 -16.87 6.39
N LEU A 45 4.43 -16.42 7.18
CA LEU A 45 3.04 -16.40 6.75
C LEU A 45 2.20 -15.55 7.69
N GLU A 46 2.29 -15.87 8.98
CA GLU A 46 1.54 -15.16 9.99
C GLU A 46 2.39 -14.04 10.60
N GLY A 1 19.27 1.70 12.76
CA GLY A 1 18.54 1.82 11.47
C GLY A 1 17.12 2.29 11.68
N SER A 2 16.35 2.35 10.61
CA SER A 2 14.98 2.83 10.68
C SER A 2 14.00 1.75 10.25
N LEU A 3 13.32 1.15 11.21
CA LEU A 3 12.31 0.15 10.90
C LEU A 3 10.93 0.73 11.12
N ASP A 4 10.66 1.08 12.36
CA ASP A 4 9.36 1.61 12.77
C ASP A 4 9.18 3.01 12.22
N GLU A 5 10.29 3.73 12.14
CA GLU A 5 10.32 5.11 11.66
C GLU A 5 9.53 5.23 10.36
N ASP A 6 9.86 4.38 9.40
CA ASP A 6 9.24 4.41 8.09
C ASP A 6 7.98 3.56 8.07
N GLU A 7 7.92 2.57 8.98
CA GLU A 7 6.79 1.64 9.05
C GLU A 7 5.47 2.41 9.20
N GLU A 8 5.43 3.30 10.17
CA GLU A 8 4.23 4.07 10.48
C GLU A 8 3.79 4.91 9.29
N ASP A 9 4.75 5.54 8.63
CA ASP A 9 4.44 6.44 7.52
C ASP A 9 4.14 5.66 6.25
N LEU A 10 4.68 4.45 6.15
CA LEU A 10 4.41 3.58 5.01
C LEU A 10 2.96 3.13 5.04
N GLN A 11 2.51 2.68 6.20
CA GLN A 11 1.11 2.33 6.40
C GLN A 11 0.23 3.55 6.12
N ARG A 12 0.66 4.68 6.64
CA ARG A 12 -0.01 5.95 6.42
C ARG A 12 -0.11 6.25 4.93
N ALA A 13 0.99 6.09 4.21
CA ALA A 13 1.02 6.33 2.76
C ALA A 13 0.05 5.43 2.02
N LEU A 14 0.00 4.16 2.42
CA LEU A 14 -0.93 3.22 1.82
C LEU A 14 -2.37 3.66 2.05
N ALA A 15 -2.71 3.93 3.31
CA ALA A 15 -4.06 4.35 3.67
C ALA A 15 -4.36 5.73 3.11
N LEU A 16 -3.31 6.51 2.87
CA LEU A 16 -3.44 7.84 2.30
C LEU A 16 -4.08 7.75 0.92
N SER A 17 -3.48 6.96 0.04
CA SER A 17 -4.02 6.77 -1.30
C SER A 17 -5.38 6.06 -1.25
N ARG A 18 -5.54 5.22 -0.24
CA ARG A 18 -6.77 4.47 -0.06
C ARG A 18 -7.94 5.41 0.23
N GLN A 19 -7.75 6.33 1.17
CA GLN A 19 -8.82 7.28 1.55
C GLN A 19 -9.00 8.34 0.47
N GLU A 20 -8.13 8.33 -0.52
CA GLU A 20 -8.25 9.22 -1.67
C GLU A 20 -9.10 8.56 -2.75
N ILE A 21 -9.23 7.24 -2.67
CA ILE A 21 -9.87 6.43 -3.70
C ILE A 21 -9.21 6.71 -5.05
N ASP A 22 -8.07 6.07 -5.26
CA ASP A 22 -7.33 6.17 -6.51
C ASP A 22 -7.94 5.22 -7.54
N MET A 23 -9.01 5.67 -8.15
CA MET A 23 -9.75 4.83 -9.09
C MET A 23 -10.06 5.58 -10.39
N GLU A 24 -9.64 4.99 -11.50
CA GLU A 24 -9.97 5.49 -12.83
C GLU A 24 -9.50 4.49 -13.88
N ASP A 25 -8.22 4.54 -14.22
CA ASP A 25 -7.64 3.62 -15.19
C ASP A 25 -6.24 3.18 -14.76
N GLU A 26 -5.27 4.06 -14.96
CA GLU A 26 -3.88 3.72 -14.70
C GLU A 26 -3.55 3.77 -13.22
N GLU A 27 -4.22 4.66 -12.50
CA GLU A 27 -4.04 4.77 -11.06
C GLU A 27 -4.56 3.51 -10.36
N ALA A 28 -5.49 2.81 -11.02
CA ALA A 28 -6.00 1.56 -10.50
C ALA A 28 -4.89 0.52 -10.43
N ASP A 29 -3.82 0.73 -11.19
CA ASP A 29 -2.66 -0.14 -11.12
C ASP A 29 -1.82 0.20 -9.89
N LEU A 30 -1.83 1.47 -9.52
CA LEU A 30 -1.18 1.89 -8.29
C LEU A 30 -1.92 1.29 -7.10
N ARG A 31 -3.25 1.34 -7.18
CA ARG A 31 -4.10 0.69 -6.19
C ARG A 31 -3.73 -0.77 -6.03
N ARG A 32 -3.54 -1.44 -7.16
CA ARG A 32 -3.11 -2.84 -7.20
C ARG A 32 -1.80 -2.99 -6.42
N ALA A 33 -0.91 -2.03 -6.58
CA ALA A 33 0.38 -2.05 -5.90
C ALA A 33 0.21 -1.84 -4.39
N ILE A 34 -0.77 -1.02 -4.00
CA ILE A 34 -1.08 -0.80 -2.59
C ILE A 34 -1.57 -2.10 -1.96
N GLN A 35 -2.38 -2.83 -2.73
CA GLN A 35 -2.88 -4.12 -2.30
C GLN A 35 -1.73 -5.11 -2.10
N LEU A 36 -0.73 -5.03 -2.96
CA LEU A 36 0.43 -5.88 -2.89
C LEU A 36 1.34 -5.46 -1.73
N SER A 37 1.62 -4.15 -1.66
CA SER A 37 2.48 -3.59 -0.62
C SER A 37 1.86 -3.77 0.78
N MET A 38 0.60 -4.19 0.82
CA MET A 38 -0.08 -4.44 2.08
C MET A 38 0.52 -5.65 2.79
N GLN A 39 1.01 -6.60 2.01
CA GLN A 39 1.61 -7.81 2.56
C GLN A 39 3.13 -7.73 2.47
N GLY A 40 3.81 -8.47 3.34
CA GLY A 40 5.26 -8.51 3.30
C GLY A 40 5.75 -9.24 2.07
N SER A 41 6.35 -8.50 1.15
CA SER A 41 6.80 -9.04 -0.13
C SER A 41 8.06 -9.90 0.03
N SER A 42 7.92 -10.99 0.79
CA SER A 42 8.97 -11.96 0.97
C SER A 42 8.39 -13.37 0.96
N ARG A 43 7.09 -13.47 1.21
CA ARG A 43 6.39 -14.74 1.24
C ARG A 43 4.96 -14.55 0.74
N ASN A 44 4.28 -15.67 0.52
CA ASN A 44 2.90 -15.66 0.03
C ASN A 44 2.83 -14.93 -1.32
N LEU A 45 3.33 -15.58 -2.35
CA LEU A 45 3.27 -15.05 -3.70
C LEU A 45 1.91 -15.35 -4.32
N GLU A 46 1.20 -16.27 -3.70
CA GLU A 46 -0.13 -16.70 -4.16
C GLU A 46 -0.02 -17.39 -5.50
N GLY A 1 15.66 -2.22 17.56
CA GLY A 1 14.78 -1.90 16.41
C GLY A 1 14.14 -0.54 16.55
N SER A 2 14.27 0.29 15.52
CA SER A 2 13.69 1.62 15.53
C SER A 2 12.87 1.86 14.27
N LEU A 3 12.45 0.76 13.64
CA LEU A 3 11.75 0.83 12.36
C LEU A 3 10.29 1.25 12.54
N ASP A 4 9.85 1.30 13.79
CA ASP A 4 8.48 1.69 14.13
C ASP A 4 8.22 3.12 13.68
N GLU A 5 9.27 3.93 13.73
CA GLU A 5 9.20 5.32 13.28
C GLU A 5 8.65 5.40 11.86
N ASP A 6 9.28 4.67 10.94
CA ASP A 6 8.86 4.67 9.55
C ASP A 6 7.61 3.83 9.36
N GLU A 7 7.49 2.77 10.16
CA GLU A 7 6.39 1.81 10.02
C GLU A 7 5.03 2.49 9.99
N GLU A 8 4.71 3.20 11.06
CA GLU A 8 3.40 3.85 11.18
C GLU A 8 3.17 4.88 10.07
N ASP A 9 4.23 5.55 9.66
CA ASP A 9 4.13 6.58 8.62
C ASP A 9 3.95 5.93 7.25
N LEU A 10 4.75 4.92 6.97
CA LEU A 10 4.70 4.23 5.68
C LEU A 10 3.37 3.51 5.51
N GLN A 11 2.92 2.82 6.55
CA GLN A 11 1.65 2.10 6.48
C GLN A 11 0.50 3.10 6.29
N ARG A 12 0.63 4.28 6.89
CA ARG A 12 -0.35 5.33 6.71
C ARG A 12 -0.32 5.84 5.26
N ALA A 13 0.88 6.03 4.72
CA ALA A 13 1.06 6.48 3.34
C ALA A 13 0.39 5.52 2.35
N LEU A 14 0.41 4.23 2.66
CA LEU A 14 -0.27 3.24 1.83
C LEU A 14 -1.78 3.47 1.86
N ALA A 15 -2.32 3.57 3.07
CA ALA A 15 -3.74 3.86 3.25
C ALA A 15 -4.09 5.20 2.62
N LEU A 16 -3.19 6.15 2.80
CA LEU A 16 -3.30 7.48 2.23
C LEU A 16 -3.51 7.40 0.73
N SER A 17 -2.59 6.70 0.05
CA SER A 17 -2.65 6.56 -1.40
C SER A 17 -3.91 5.82 -1.82
N ARG A 18 -4.39 4.94 -0.96
CA ARG A 18 -5.61 4.18 -1.22
C ARG A 18 -6.83 5.11 -1.27
N GLN A 19 -7.03 5.86 -0.18
CA GLN A 19 -8.19 6.75 -0.06
C GLN A 19 -8.10 7.89 -1.07
N GLU A 20 -6.87 8.25 -1.45
CA GLU A 20 -6.65 9.33 -2.39
C GLU A 20 -7.11 8.95 -3.80
N ILE A 21 -6.85 7.73 -4.22
CA ILE A 21 -7.28 7.28 -5.53
C ILE A 21 -8.77 7.02 -5.53
N ASP A 22 -9.17 5.94 -4.84
CA ASP A 22 -10.58 5.50 -4.75
C ASP A 22 -11.10 4.98 -6.09
N MET A 23 -10.73 5.66 -7.16
CA MET A 23 -11.14 5.34 -8.52
C MET A 23 -10.82 3.90 -8.90
N GLU A 24 -11.85 3.07 -8.99
CA GLU A 24 -11.67 1.67 -9.38
C GLU A 24 -11.71 1.51 -10.90
N ASP A 25 -11.00 2.38 -11.60
CA ASP A 25 -10.95 2.33 -13.06
C ASP A 25 -9.57 1.88 -13.51
N GLU A 26 -8.83 2.75 -14.18
CA GLU A 26 -7.47 2.45 -14.61
C GLU A 26 -6.51 2.77 -13.48
N GLU A 27 -6.84 3.82 -12.73
CA GLU A 27 -6.09 4.20 -11.53
C GLU A 27 -6.12 3.06 -10.51
N ALA A 28 -7.14 2.21 -10.60
CA ALA A 28 -7.29 1.08 -9.70
C ALA A 28 -6.10 0.12 -9.79
N ASP A 29 -5.33 0.21 -10.85
CA ASP A 29 -4.13 -0.62 -10.99
C ASP A 29 -3.05 -0.13 -10.03
N LEU A 30 -3.00 1.18 -9.83
CA LEU A 30 -2.11 1.77 -8.84
C LEU A 30 -2.61 1.44 -7.45
N ARG A 31 -3.93 1.42 -7.31
CA ARG A 31 -4.58 0.96 -6.10
C ARG A 31 -4.15 -0.47 -5.79
N ARG A 32 -4.16 -1.31 -6.83
CA ARG A 32 -3.74 -2.70 -6.73
C ARG A 32 -2.28 -2.80 -6.30
N ALA A 33 -1.43 -1.97 -6.91
CA ALA A 33 -0.01 -1.95 -6.60
C ALA A 33 0.24 -1.59 -5.14
N ILE A 34 -0.56 -0.66 -4.61
CA ILE A 34 -0.44 -0.23 -3.22
C ILE A 34 -0.85 -1.36 -2.28
N GLN A 35 -1.90 -2.09 -2.67
CA GLN A 35 -2.38 -3.21 -1.88
C GLN A 35 -1.32 -4.31 -1.85
N LEU A 36 -0.61 -4.47 -2.96
CA LEU A 36 0.46 -5.44 -3.07
C LEU A 36 1.63 -5.01 -2.18
N SER A 37 2.01 -3.74 -2.30
CA SER A 37 3.08 -3.18 -1.48
C SER A 37 2.73 -3.22 0.01
N MET A 38 1.44 -3.02 0.31
CA MET A 38 0.95 -3.10 1.68
C MET A 38 1.22 -4.48 2.27
N GLN A 39 1.14 -5.49 1.42
CA GLN A 39 1.49 -6.85 1.80
C GLN A 39 3.01 -6.98 1.89
N GLY A 40 3.68 -6.85 0.75
CA GLY A 40 5.14 -6.98 0.72
C GLY A 40 5.61 -8.30 1.29
N SER A 41 4.91 -9.36 0.96
CA SER A 41 5.21 -10.68 1.48
C SER A 41 5.27 -11.73 0.37
N SER A 42 5.46 -11.26 -0.86
CA SER A 42 5.48 -12.15 -2.01
C SER A 42 6.91 -12.37 -2.49
N ARG A 43 7.61 -13.27 -1.81
CA ARG A 43 9.00 -13.55 -2.13
C ARG A 43 9.09 -14.50 -3.32
N ASN A 44 8.82 -13.97 -4.50
CA ASN A 44 9.05 -14.69 -5.74
C ASN A 44 9.35 -13.71 -6.86
N LEU A 45 9.60 -12.46 -6.47
CA LEU A 45 9.94 -11.41 -7.41
C LEU A 45 11.45 -11.18 -7.38
N GLU A 46 12.18 -12.13 -7.93
CA GLU A 46 13.63 -12.09 -7.93
C GLU A 46 14.16 -11.38 -9.17
N GLY A 1 10.50 -2.97 7.75
CA GLY A 1 10.68 -1.81 6.84
C GLY A 1 11.81 -0.91 7.29
N SER A 2 11.71 -0.43 8.52
CA SER A 2 12.75 0.42 9.10
C SER A 2 12.68 0.34 10.62
N LEU A 3 11.85 1.18 11.23
CA LEU A 3 11.61 1.09 12.66
C LEU A 3 10.13 0.80 12.90
N ASP A 4 9.36 1.84 13.16
CA ASP A 4 7.91 1.71 13.33
C ASP A 4 7.23 2.98 12.89
N GLU A 5 7.69 4.12 13.40
CA GLU A 5 7.10 5.41 13.05
C GLU A 5 7.19 5.65 11.54
N ASP A 6 8.34 5.35 10.98
CA ASP A 6 8.55 5.46 9.55
C ASP A 6 7.74 4.40 8.81
N GLU A 7 7.63 3.24 9.42
CA GLU A 7 6.81 2.18 8.89
C GLU A 7 5.32 2.57 8.92
N GLU A 8 4.90 3.24 9.99
CA GLU A 8 3.54 3.74 10.10
C GLU A 8 3.31 4.85 9.08
N ASP A 9 4.38 5.59 8.78
CA ASP A 9 4.32 6.62 7.74
C ASP A 9 4.13 6.00 6.37
N LEU A 10 4.90 4.95 6.10
CA LEU A 10 4.80 4.22 4.84
C LEU A 10 3.42 3.58 4.72
N GLN A 11 3.00 2.88 5.78
CA GLN A 11 1.67 2.26 5.81
C GLN A 11 0.58 3.31 5.72
N ARG A 12 0.86 4.50 6.27
CA ARG A 12 -0.07 5.61 6.16
C ARG A 12 -0.24 6.01 4.72
N ALA A 13 0.87 6.27 4.04
CA ALA A 13 0.86 6.61 2.62
C ALA A 13 0.10 5.55 1.82
N LEU A 14 0.25 4.28 2.21
CA LEU A 14 -0.44 3.19 1.53
C LEU A 14 -1.95 3.28 1.77
N ALA A 15 -2.34 3.37 3.04
CA ALA A 15 -3.76 3.44 3.40
C ALA A 15 -4.37 4.73 2.89
N LEU A 16 -3.55 5.77 2.84
CA LEU A 16 -3.94 7.05 2.29
C LEU A 16 -4.32 6.88 0.82
N SER A 17 -3.41 6.27 0.07
CA SER A 17 -3.64 5.97 -1.34
C SER A 17 -4.88 5.09 -1.52
N ARG A 18 -5.20 4.31 -0.50
CA ARG A 18 -6.37 3.42 -0.54
C ARG A 18 -7.65 4.24 -0.49
N GLN A 19 -7.78 5.08 0.53
CA GLN A 19 -8.99 5.88 0.73
C GLN A 19 -9.13 6.94 -0.35
N GLU A 20 -8.01 7.36 -0.94
CA GLU A 20 -8.04 8.32 -2.05
C GLU A 20 -8.81 7.77 -3.23
N ILE A 21 -8.40 6.61 -3.72
CA ILE A 21 -8.98 6.06 -4.93
C ILE A 21 -9.68 4.73 -4.67
N ASP A 22 -8.89 3.66 -4.56
CA ASP A 22 -9.40 2.29 -4.51
C ASP A 22 -10.29 2.02 -5.72
N MET A 23 -9.67 1.59 -6.80
CA MET A 23 -10.34 1.38 -8.06
C MET A 23 -9.44 0.54 -8.96
N GLU A 24 -9.86 0.26 -10.18
CA GLU A 24 -9.05 -0.59 -11.07
C GLU A 24 -8.91 0.03 -12.45
N ASP A 25 -8.26 1.19 -12.50
CA ASP A 25 -7.91 1.83 -13.75
C ASP A 25 -6.38 1.91 -13.86
N GLU A 26 -5.90 2.73 -14.80
CA GLU A 26 -4.46 2.81 -15.07
C GLU A 26 -3.66 3.24 -13.85
N GLU A 27 -4.05 4.35 -13.22
CA GLU A 27 -3.34 4.86 -12.05
C GLU A 27 -3.78 4.13 -10.80
N ALA A 28 -5.03 3.70 -10.81
CA ALA A 28 -5.58 2.95 -9.71
C ALA A 28 -4.88 1.60 -9.57
N ASP A 29 -4.28 1.13 -10.66
CA ASP A 29 -3.47 -0.09 -10.64
C ASP A 29 -2.30 0.08 -9.68
N LEU A 30 -1.74 1.28 -9.64
CA LEU A 30 -0.69 1.60 -8.68
C LEU A 30 -1.24 1.52 -7.27
N ARG A 31 -2.46 2.02 -7.09
CA ARG A 31 -3.12 1.98 -5.78
C ARG A 31 -3.40 0.53 -5.37
N ARG A 32 -3.64 -0.31 -6.38
CA ARG A 32 -3.86 -1.74 -6.17
C ARG A 32 -2.55 -2.41 -5.77
N ALA A 33 -1.45 -1.92 -6.32
CA ALA A 33 -0.12 -2.41 -5.93
C ALA A 33 0.18 -2.03 -4.49
N ILE A 34 -0.35 -0.89 -4.07
CA ILE A 34 -0.25 -0.43 -2.70
C ILE A 34 -1.02 -1.38 -1.78
N GLN A 35 -2.14 -1.87 -2.29
CA GLN A 35 -2.93 -2.85 -1.55
C GLN A 35 -2.19 -4.17 -1.45
N LEU A 36 -1.47 -4.51 -2.52
CA LEU A 36 -0.68 -5.73 -2.58
C LEU A 36 0.45 -5.67 -1.55
N SER A 37 1.16 -4.56 -1.50
CA SER A 37 2.27 -4.38 -0.58
C SER A 37 1.83 -4.43 0.89
N MET A 38 0.51 -4.36 1.12
CA MET A 38 -0.03 -4.48 2.47
C MET A 38 -0.01 -5.93 2.93
N GLN A 39 -0.12 -6.84 1.98
CA GLN A 39 -0.16 -8.27 2.27
C GLN A 39 0.88 -9.01 1.46
N GLY A 40 2.12 -9.00 1.96
CA GLY A 40 3.19 -9.69 1.28
C GLY A 40 3.13 -11.19 1.49
N SER A 41 2.11 -11.82 0.95
CA SER A 41 1.92 -13.24 1.09
C SER A 41 1.32 -13.81 -0.19
N SER A 42 2.04 -13.66 -1.29
CA SER A 42 1.64 -14.24 -2.56
C SER A 42 2.03 -15.72 -2.57
N ARG A 43 1.05 -16.58 -2.33
CA ARG A 43 1.32 -18.00 -2.18
C ARG A 43 0.16 -18.86 -2.68
N ASN A 44 -0.67 -18.30 -3.56
CA ASN A 44 -1.82 -19.04 -4.06
C ASN A 44 -2.17 -18.59 -5.48
N LEU A 45 -2.67 -17.38 -5.61
CA LEU A 45 -3.03 -16.84 -6.92
C LEU A 45 -1.78 -16.40 -7.66
N GLU A 46 -1.09 -15.43 -7.08
CA GLU A 46 0.15 -14.93 -7.65
C GLU A 46 1.35 -15.57 -6.97
N GLY A 1 11.27 2.69 17.39
CA GLY A 1 12.54 3.34 16.96
C GLY A 1 12.76 3.22 15.47
N SER A 2 13.09 2.02 15.02
CA SER A 2 13.39 1.79 13.63
C SER A 2 12.39 0.80 13.04
N LEU A 3 12.57 0.47 11.76
CA LEU A 3 11.69 -0.48 11.07
C LEU A 3 10.25 -0.01 11.05
N ASP A 4 9.47 -0.50 12.03
CA ASP A 4 8.03 -0.21 12.11
C ASP A 4 7.75 1.28 12.06
N GLU A 5 8.58 2.05 12.75
CA GLU A 5 8.38 3.49 12.89
C GLU A 5 8.14 4.13 11.53
N ASP A 6 9.09 3.97 10.64
CA ASP A 6 9.01 4.53 9.29
C ASP A 6 8.00 3.74 8.45
N GLU A 7 7.88 2.45 8.74
CA GLU A 7 6.97 1.58 7.99
C GLU A 7 5.51 1.95 8.19
N GLU A 8 5.14 2.28 9.42
CA GLU A 8 3.77 2.71 9.72
C GLU A 8 3.44 3.98 8.94
N ASP A 9 4.42 4.86 8.84
CA ASP A 9 4.27 6.10 8.10
C ASP A 9 4.07 5.81 6.61
N LEU A 10 4.85 4.87 6.08
CA LEU A 10 4.73 4.45 4.70
C LEU A 10 3.39 3.79 4.42
N GLN A 11 2.99 2.87 5.30
CA GLN A 11 1.72 2.17 5.16
C GLN A 11 0.56 3.15 5.34
N ARG A 12 0.79 4.20 6.12
CA ARG A 12 -0.21 5.25 6.28
C ARG A 12 -0.43 5.94 4.95
N ALA A 13 0.66 6.26 4.25
CA ALA A 13 0.57 6.85 2.92
C ALA A 13 -0.18 5.92 1.97
N LEU A 14 0.01 4.63 2.13
CA LEU A 14 -0.71 3.62 1.35
C LEU A 14 -2.21 3.73 1.59
N ALA A 15 -2.61 3.68 2.85
CA ALA A 15 -4.02 3.75 3.20
C ALA A 15 -4.58 5.14 2.95
N LEU A 16 -3.72 6.14 3.06
CA LEU A 16 -4.09 7.51 2.75
C LEU A 16 -4.49 7.62 1.29
N SER A 17 -3.63 7.14 0.41
CA SER A 17 -3.88 7.19 -1.02
C SER A 17 -5.10 6.34 -1.38
N ARG A 18 -5.33 5.27 -0.62
CA ARG A 18 -6.42 4.34 -0.92
C ARG A 18 -7.77 4.95 -0.53
N GLN A 19 -7.77 5.81 0.48
CA GLN A 19 -9.00 6.47 0.92
C GLN A 19 -9.21 7.77 0.16
N GLU A 20 -8.11 8.32 -0.32
CA GLU A 20 -8.14 9.55 -1.10
C GLU A 20 -8.56 9.28 -2.53
N ILE A 21 -8.14 8.13 -3.07
CA ILE A 21 -8.45 7.78 -4.44
C ILE A 21 -9.32 6.52 -4.50
N ASP A 22 -10.55 6.67 -4.95
CA ASP A 22 -11.42 5.54 -5.26
C ASP A 22 -11.56 5.43 -6.77
N MET A 23 -10.43 5.49 -7.44
CA MET A 23 -10.38 5.52 -8.89
C MET A 23 -9.91 4.17 -9.42
N GLU A 24 -10.60 3.66 -10.43
CA GLU A 24 -10.26 2.36 -11.01
C GLU A 24 -9.83 2.55 -12.46
N ASP A 25 -8.80 3.35 -12.66
CA ASP A 25 -8.28 3.60 -14.00
C ASP A 25 -6.99 2.81 -14.20
N GLU A 26 -6.07 3.33 -15.00
CA GLU A 26 -4.78 2.68 -15.18
C GLU A 26 -3.91 2.89 -13.94
N GLU A 27 -4.25 3.92 -13.18
CA GLU A 27 -3.49 4.27 -11.97
C GLU A 27 -3.88 3.35 -10.83
N ALA A 28 -5.08 2.79 -10.94
CA ALA A 28 -5.61 1.85 -9.97
C ALA A 28 -4.71 0.65 -9.81
N ASP A 29 -3.92 0.38 -10.84
CA ASP A 29 -2.90 -0.66 -10.78
C ASP A 29 -1.92 -0.37 -9.64
N LEU A 30 -1.54 0.90 -9.54
CA LEU A 30 -0.63 1.34 -8.49
C LEU A 30 -1.35 1.35 -7.13
N ARG A 31 -2.65 1.63 -7.15
CA ARG A 31 -3.45 1.57 -5.93
C ARG A 31 -3.52 0.11 -5.45
N ARG A 32 -3.61 -0.79 -6.41
CA ARG A 32 -3.60 -2.22 -6.13
C ARG A 32 -2.23 -2.64 -5.61
N ALA A 33 -1.19 -1.98 -6.10
CA ALA A 33 0.17 -2.20 -5.60
C ALA A 33 0.29 -1.73 -4.15
N ILE A 34 -0.52 -0.75 -3.78
CA ILE A 34 -0.61 -0.29 -2.39
C ILE A 34 -1.24 -1.40 -1.55
N GLN A 35 -2.25 -2.04 -2.11
CA GLN A 35 -2.92 -3.16 -1.45
C GLN A 35 -1.98 -4.35 -1.35
N LEU A 36 -1.15 -4.53 -2.38
CA LEU A 36 -0.15 -5.59 -2.42
C LEU A 36 0.94 -5.30 -1.39
N SER A 37 1.39 -4.05 -1.33
CA SER A 37 2.38 -3.64 -0.35
C SER A 37 1.86 -3.88 1.08
N MET A 38 0.54 -3.84 1.22
CA MET A 38 -0.10 -4.09 2.50
C MET A 38 -0.19 -5.60 2.77
N GLN A 39 -0.62 -6.36 1.77
CA GLN A 39 -0.70 -7.81 1.88
C GLN A 39 0.31 -8.47 0.95
N GLY A 40 1.48 -8.76 1.48
CA GLY A 40 2.52 -9.42 0.70
C GLY A 40 2.06 -10.76 0.16
N SER A 41 1.39 -11.54 1.00
CA SER A 41 0.82 -12.79 0.58
C SER A 41 -0.57 -12.55 -0.01
N SER A 42 -0.84 -13.19 -1.14
CA SER A 42 -2.12 -13.02 -1.83
C SER A 42 -3.24 -13.76 -1.10
N ARG A 43 -3.50 -13.33 0.13
CA ARG A 43 -4.52 -13.97 0.96
C ARG A 43 -5.89 -13.35 0.73
N ASN A 44 -6.08 -12.10 1.15
CA ASN A 44 -7.36 -11.42 0.99
C ASN A 44 -7.27 -10.41 -0.15
N LEU A 45 -6.96 -10.90 -1.33
CA LEU A 45 -6.90 -10.09 -2.54
C LEU A 45 -7.65 -10.82 -3.65
N GLU A 46 -8.15 -10.08 -4.62
CA GLU A 46 -8.87 -10.69 -5.73
C GLU A 46 -7.90 -10.94 -6.88
N GLY A 1 7.58 1.28 18.80
CA GLY A 1 7.70 -0.16 18.46
C GLY A 1 9.13 -0.51 18.07
N SER A 2 9.32 -1.63 17.37
CA SER A 2 10.63 -1.99 16.87
C SER A 2 11.00 -1.05 15.72
N LEU A 3 10.18 -1.11 14.69
CA LEU A 3 10.22 -0.16 13.59
C LEU A 3 8.81 0.01 13.06
N ASP A 4 7.92 -0.77 13.65
CA ASP A 4 6.54 -0.89 13.23
C ASP A 4 5.81 0.42 13.41
N GLU A 5 6.16 1.13 14.47
CA GLU A 5 5.54 2.41 14.78
C GLU A 5 5.81 3.41 13.66
N ASP A 6 7.01 3.34 13.11
CA ASP A 6 7.38 4.15 11.95
C ASP A 6 6.69 3.61 10.71
N GLU A 7 6.67 2.28 10.60
CA GLU A 7 6.01 1.59 9.51
C GLU A 7 4.53 1.96 9.43
N GLU A 8 3.91 2.24 10.57
CA GLU A 8 2.51 2.63 10.61
C GLU A 8 2.25 3.88 9.79
N ASP A 9 3.21 4.80 9.79
CA ASP A 9 3.06 6.04 9.02
C ASP A 9 3.35 5.79 7.55
N LEU A 10 4.32 4.93 7.27
CA LEU A 10 4.61 4.53 5.90
C LEU A 10 3.43 3.76 5.33
N GLN A 11 2.92 2.82 6.12
CA GLN A 11 1.71 2.08 5.80
C GLN A 11 0.53 3.05 5.67
N ARG A 12 0.50 4.08 6.50
CA ARG A 12 -0.51 5.12 6.44
C ARG A 12 -0.42 5.86 5.10
N ALA A 13 0.80 6.18 4.69
CA ALA A 13 1.03 6.82 3.39
C ALA A 13 0.52 5.96 2.25
N LEU A 14 0.65 4.64 2.40
CA LEU A 14 0.12 3.69 1.43
C LEU A 14 -1.40 3.78 1.38
N ALA A 15 -2.03 3.68 2.56
CA ALA A 15 -3.48 3.81 2.67
C ALA A 15 -3.93 5.18 2.14
N LEU A 16 -3.12 6.18 2.44
CA LEU A 16 -3.33 7.54 1.95
C LEU A 16 -3.37 7.53 0.42
N SER A 17 -2.36 6.93 -0.19
CA SER A 17 -2.27 6.86 -1.64
C SER A 17 -3.45 6.09 -2.24
N ARG A 18 -4.04 5.23 -1.43
CA ARG A 18 -5.17 4.41 -1.86
C ARG A 18 -6.49 5.17 -1.74
N GLN A 19 -6.57 6.06 -0.76
CA GLN A 19 -7.79 6.82 -0.51
C GLN A 19 -7.76 8.14 -1.28
N GLU A 20 -6.57 8.51 -1.74
CA GLU A 20 -6.39 9.67 -2.61
C GLU A 20 -7.40 9.62 -3.75
N ILE A 21 -7.25 8.62 -4.60
CA ILE A 21 -8.14 8.43 -5.73
C ILE A 21 -8.46 6.94 -5.88
N ASP A 22 -9.59 6.53 -5.31
CA ASP A 22 -10.02 5.14 -5.40
C ASP A 22 -10.27 4.76 -6.85
N MET A 23 -11.26 5.42 -7.45
CA MET A 23 -11.64 5.22 -8.86
C MET A 23 -11.49 3.77 -9.30
N GLU A 24 -12.54 2.99 -9.06
CA GLU A 24 -12.52 1.54 -9.22
C GLU A 24 -12.53 1.07 -10.67
N ASP A 25 -11.62 1.60 -11.50
CA ASP A 25 -11.45 1.10 -12.85
C ASP A 25 -9.98 0.88 -13.17
N GLU A 26 -9.21 1.95 -13.28
CA GLU A 26 -7.78 1.84 -13.57
C GLU A 26 -6.95 2.42 -12.42
N GLU A 27 -7.49 3.43 -11.74
CA GLU A 27 -6.83 3.97 -10.55
C GLU A 27 -6.76 2.89 -9.47
N ALA A 28 -7.80 2.08 -9.41
CA ALA A 28 -7.86 0.97 -8.47
C ALA A 28 -6.70 0.00 -8.70
N ASP A 29 -6.24 -0.09 -9.94
CA ASP A 29 -5.12 -0.95 -10.29
C ASP A 29 -3.86 -0.46 -9.58
N LEU A 30 -3.68 0.86 -9.57
CA LEU A 30 -2.55 1.48 -8.90
C LEU A 30 -2.70 1.36 -7.39
N ARG A 31 -3.92 1.45 -6.89
CA ARG A 31 -4.18 1.32 -5.47
C ARG A 31 -3.91 -0.12 -5.04
N ARG A 32 -4.19 -1.05 -5.94
CA ARG A 32 -3.87 -2.46 -5.74
C ARG A 32 -2.35 -2.65 -5.66
N ALA A 33 -1.63 -1.84 -6.42
CA ALA A 33 -0.17 -1.85 -6.40
C ALA A 33 0.37 -1.35 -5.07
N ILE A 34 -0.40 -0.46 -4.43
CA ILE A 34 -0.07 0.01 -3.09
C ILE A 34 -0.23 -1.14 -2.10
N GLN A 35 -1.28 -1.92 -2.27
CA GLN A 35 -1.52 -3.09 -1.43
C GLN A 35 -0.54 -4.22 -1.79
N LEU A 36 0.04 -4.11 -2.96
CA LEU A 36 1.05 -5.06 -3.42
C LEU A 36 2.35 -4.83 -2.64
N SER A 37 2.73 -3.56 -2.50
CA SER A 37 3.89 -3.19 -1.68
C SER A 37 3.78 -3.76 -0.27
N MET A 38 2.58 -3.71 0.29
CA MET A 38 2.32 -4.23 1.64
C MET A 38 1.59 -5.57 1.59
N GLN A 39 1.93 -6.40 0.62
CA GLN A 39 1.25 -7.68 0.41
C GLN A 39 1.36 -8.59 1.63
N GLY A 40 0.30 -8.64 2.41
CA GLY A 40 0.22 -9.58 3.51
C GLY A 40 -0.52 -10.82 3.10
N SER A 41 -1.50 -10.63 2.21
CA SER A 41 -2.26 -11.73 1.69
C SER A 41 -1.73 -12.13 0.31
N SER A 42 -1.06 -13.27 0.24
CA SER A 42 -0.52 -13.76 -1.02
C SER A 42 -1.29 -14.99 -1.47
N ARG A 43 -2.61 -14.92 -1.32
CA ARG A 43 -3.48 -16.05 -1.61
C ARG A 43 -3.88 -16.05 -3.08
N ASN A 44 -4.18 -14.85 -3.59
CA ASN A 44 -4.58 -14.69 -4.98
C ASN A 44 -3.53 -13.86 -5.72
N LEU A 45 -2.30 -14.37 -5.73
CA LEU A 45 -1.20 -13.64 -6.36
C LEU A 45 -0.60 -14.44 -7.51
N GLU A 46 -0.67 -15.76 -7.41
CA GLU A 46 -0.12 -16.65 -8.41
C GLU A 46 -1.07 -16.74 -9.62
N GLY A 1 6.88 0.17 19.70
CA GLY A 1 8.25 0.04 20.25
C GLY A 1 9.29 0.67 19.35
N SER A 2 9.89 -0.13 18.48
CA SER A 2 10.98 0.35 17.65
C SER A 2 10.52 0.57 16.21
N LEU A 3 9.90 -0.45 15.63
CA LEU A 3 9.50 -0.40 14.23
C LEU A 3 8.15 0.29 14.06
N ASP A 4 7.31 0.19 15.09
CA ASP A 4 5.93 0.66 15.03
C ASP A 4 5.82 2.10 14.52
N GLU A 5 6.69 2.97 15.00
CA GLU A 5 6.65 4.38 14.62
C GLU A 5 6.86 4.54 13.12
N ASP A 6 7.71 3.70 12.55
CA ASP A 6 7.96 3.72 11.12
C ASP A 6 6.86 2.95 10.40
N GLU A 7 6.36 1.90 11.05
CA GLU A 7 5.28 1.07 10.53
C GLU A 7 4.00 1.88 10.35
N GLU A 8 3.64 2.65 11.38
CA GLU A 8 2.45 3.47 11.34
C GLU A 8 2.50 4.44 10.15
N ASP A 9 3.63 5.11 10.01
CA ASP A 9 3.81 6.06 8.91
C ASP A 9 3.76 5.36 7.57
N LEU A 10 4.39 4.17 7.50
CA LEU A 10 4.44 3.41 6.25
C LEU A 10 3.03 3.01 5.82
N GLN A 11 2.28 2.37 6.73
CA GLN A 11 0.93 1.94 6.38
C GLN A 11 -0.01 3.13 6.21
N ARG A 12 0.27 4.23 6.92
CA ARG A 12 -0.48 5.45 6.73
C ARG A 12 -0.25 5.99 5.33
N ALA A 13 1.01 5.97 4.89
CA ALA A 13 1.37 6.40 3.55
C ALA A 13 0.69 5.55 2.49
N LEU A 14 0.48 4.27 2.80
CA LEU A 14 -0.23 3.37 1.90
C LEU A 14 -1.68 3.81 1.75
N ALA A 15 -2.37 3.97 2.88
CA ALA A 15 -3.75 4.42 2.87
C ALA A 15 -3.85 5.85 2.35
N LEU A 16 -2.81 6.62 2.62
CA LEU A 16 -2.67 7.97 2.11
C LEU A 16 -2.70 7.95 0.59
N SER A 17 -1.84 7.12 0.01
CA SER A 17 -1.78 6.97 -1.44
C SER A 17 -3.11 6.45 -1.99
N ARG A 18 -3.83 5.69 -1.17
CA ARG A 18 -5.13 5.17 -1.56
C ARG A 18 -6.15 6.30 -1.67
N GLN A 19 -6.18 7.18 -0.68
CA GLN A 19 -7.10 8.30 -0.69
C GLN A 19 -6.63 9.38 -1.66
N GLU A 20 -5.40 9.24 -2.14
CA GLU A 20 -4.89 10.11 -3.18
C GLU A 20 -5.52 9.77 -4.52
N ILE A 21 -5.67 8.48 -4.79
CA ILE A 21 -6.35 8.03 -6.00
C ILE A 21 -7.86 8.20 -5.83
N ASP A 22 -8.37 9.28 -6.39
CA ASP A 22 -9.79 9.59 -6.31
C ASP A 22 -10.42 9.37 -7.70
N MET A 23 -10.19 8.19 -8.24
CA MET A 23 -10.64 7.85 -9.59
C MET A 23 -11.69 6.75 -9.51
N GLU A 24 -12.61 6.72 -10.47
CA GLU A 24 -13.68 5.73 -10.46
C GLU A 24 -13.50 4.68 -11.57
N ASP A 25 -12.37 4.75 -12.25
CA ASP A 25 -12.07 3.81 -13.33
C ASP A 25 -10.58 3.53 -13.39
N GLU A 26 -10.21 2.25 -13.56
CA GLU A 26 -8.81 1.81 -13.58
C GLU A 26 -8.17 1.88 -12.20
N GLU A 27 -8.79 2.65 -11.32
CA GLU A 27 -8.32 2.84 -9.95
C GLU A 27 -8.04 1.51 -9.25
N ALA A 28 -8.78 0.47 -9.64
CA ALA A 28 -8.61 -0.85 -9.05
C ALA A 28 -7.16 -1.32 -9.12
N ASP A 29 -6.56 -1.18 -10.30
CA ASP A 29 -5.18 -1.59 -10.51
C ASP A 29 -4.22 -0.70 -9.75
N LEU A 30 -4.61 0.56 -9.53
CA LEU A 30 -3.80 1.48 -8.74
C LEU A 30 -3.83 1.09 -7.27
N ARG A 31 -5.00 0.61 -6.80
CA ARG A 31 -5.11 0.10 -5.44
C ARG A 31 -4.18 -1.10 -5.31
N ARG A 32 -4.20 -1.95 -6.34
CA ARG A 32 -3.35 -3.13 -6.41
C ARG A 32 -1.87 -2.76 -6.37
N ALA A 33 -1.55 -1.58 -6.89
CA ALA A 33 -0.18 -1.06 -6.84
C ALA A 33 0.24 -0.78 -5.39
N ILE A 34 -0.67 -0.18 -4.62
CA ILE A 34 -0.41 0.07 -3.20
C ILE A 34 -0.26 -1.26 -2.46
N GLN A 35 -1.08 -2.21 -2.85
CA GLN A 35 -1.04 -3.55 -2.27
C GLN A 35 0.26 -4.26 -2.62
N LEU A 36 0.83 -3.90 -3.76
CA LEU A 36 2.08 -4.48 -4.23
C LEU A 36 3.24 -3.96 -3.38
N SER A 37 3.24 -2.65 -3.14
CA SER A 37 4.27 -2.02 -2.32
C SER A 37 4.36 -2.64 -0.92
N MET A 38 3.21 -2.95 -0.33
CA MET A 38 3.18 -3.47 1.02
C MET A 38 3.24 -4.99 1.06
N GLN A 39 2.54 -5.65 0.16
CA GLN A 39 2.42 -7.10 0.18
C GLN A 39 3.06 -7.71 -1.05
N GLY A 40 3.89 -8.72 -0.84
CA GLY A 40 4.55 -9.41 -1.94
C GLY A 40 3.66 -10.48 -2.54
N SER A 41 2.45 -10.08 -2.95
CA SER A 41 1.49 -11.00 -3.50
C SER A 41 1.74 -11.19 -4.99
N SER A 42 2.10 -10.10 -5.66
CA SER A 42 2.46 -10.15 -7.06
C SER A 42 3.88 -10.68 -7.22
N ARG A 43 4.06 -11.65 -8.08
CA ARG A 43 5.37 -12.25 -8.29
C ARG A 43 5.96 -11.82 -9.62
N ASN A 44 5.16 -11.17 -10.45
CA ASN A 44 5.61 -10.75 -11.79
C ASN A 44 4.62 -9.78 -12.39
N LEU A 45 3.34 -10.14 -12.36
CA LEU A 45 2.27 -9.34 -12.96
C LEU A 45 2.37 -9.39 -14.47
N GLU A 46 1.66 -10.34 -15.06
CA GLU A 46 1.68 -10.54 -16.49
C GLU A 46 0.58 -9.71 -17.16
N GLY A 1 15.04 -3.24 15.74
CA GLY A 1 14.78 -1.92 16.38
C GLY A 1 13.31 -1.54 16.32
N SER A 2 12.99 -0.37 16.85
CA SER A 2 11.61 0.11 16.84
C SER A 2 11.38 1.04 15.66
N LEU A 3 11.30 0.46 14.47
CA LEU A 3 11.06 1.23 13.25
C LEU A 3 9.57 1.37 13.00
N ASP A 4 8.79 1.16 14.06
CA ASP A 4 7.34 1.16 13.97
C ASP A 4 6.81 2.48 13.47
N GLU A 5 7.44 3.58 13.88
CA GLU A 5 7.02 4.90 13.42
C GLU A 5 7.10 4.98 11.91
N ASP A 6 8.23 4.54 11.35
CA ASP A 6 8.43 4.53 9.90
C ASP A 6 7.47 3.56 9.26
N GLU A 7 7.27 2.42 9.92
CA GLU A 7 6.31 1.43 9.48
C GLU A 7 4.90 2.00 9.41
N GLU A 8 4.50 2.72 10.45
CA GLU A 8 3.19 3.33 10.50
C GLU A 8 3.04 4.42 9.45
N ASP A 9 4.06 5.26 9.30
CA ASP A 9 4.03 6.30 8.26
C ASP A 9 3.97 5.68 6.88
N LEU A 10 4.67 4.57 6.70
CA LEU A 10 4.68 3.86 5.42
C LEU A 10 3.30 3.30 5.12
N GLN A 11 2.76 2.52 6.04
CA GLN A 11 1.41 1.97 5.84
C GLN A 11 0.37 3.09 5.77
N ARG A 12 0.64 4.21 6.46
CA ARG A 12 -0.19 5.39 6.38
C ARG A 12 -0.22 5.93 4.95
N ALA A 13 0.97 6.15 4.38
CA ALA A 13 1.10 6.62 3.01
C ALA A 13 0.34 5.70 2.04
N LEU A 14 0.37 4.40 2.32
CA LEU A 14 -0.34 3.43 1.50
C LEU A 14 -1.85 3.57 1.68
N ALA A 15 -2.30 3.62 2.92
CA ALA A 15 -3.73 3.80 3.21
C ALA A 15 -4.21 5.14 2.68
N LEU A 16 -3.36 6.15 2.81
CA LEU A 16 -3.64 7.50 2.36
C LEU A 16 -3.88 7.52 0.85
N SER A 17 -2.99 6.86 0.10
CA SER A 17 -3.12 6.80 -1.35
C SER A 17 -4.30 5.92 -1.76
N ARG A 18 -4.70 5.00 -0.88
CA ARG A 18 -5.91 4.23 -1.10
C ARG A 18 -7.11 5.16 -1.14
N GLN A 19 -7.10 6.14 -0.24
CA GLN A 19 -8.13 7.17 -0.20
C GLN A 19 -8.03 8.06 -1.43
N GLU A 20 -6.78 8.39 -1.77
CA GLU A 20 -6.48 9.27 -2.90
C GLU A 20 -6.99 8.69 -4.22
N ILE A 21 -6.94 7.37 -4.34
CA ILE A 21 -7.42 6.70 -5.54
C ILE A 21 -8.91 6.39 -5.43
N ASP A 22 -9.22 5.33 -4.68
CA ASP A 22 -10.58 4.82 -4.53
C ASP A 22 -11.34 4.84 -5.86
N MET A 23 -10.72 4.26 -6.89
CA MET A 23 -11.30 4.24 -8.22
C MET A 23 -11.14 2.84 -8.81
N GLU A 24 -11.53 2.62 -10.07
CA GLU A 24 -11.90 1.27 -10.48
C GLU A 24 -11.19 0.72 -11.73
N ASP A 25 -10.77 1.56 -12.68
CA ASP A 25 -10.24 1.02 -13.93
C ASP A 25 -8.71 0.96 -13.92
N GLU A 26 -8.04 1.95 -14.50
CA GLU A 26 -6.59 1.98 -14.53
C GLU A 26 -6.07 2.47 -13.20
N GLU A 27 -6.85 3.35 -12.59
CA GLU A 27 -6.56 3.90 -11.28
C GLU A 27 -6.46 2.79 -10.26
N ALA A 28 -7.24 1.74 -10.49
CA ALA A 28 -7.28 0.61 -9.58
C ALA A 28 -5.92 -0.06 -9.46
N ASP A 29 -5.16 -0.08 -10.56
CA ASP A 29 -3.84 -0.72 -10.56
C ASP A 29 -2.87 0.05 -9.66
N LEU A 30 -3.08 1.35 -9.54
CA LEU A 30 -2.27 2.16 -8.64
C LEU A 30 -2.51 1.72 -7.21
N ARG A 31 -3.77 1.68 -6.81
CA ARG A 31 -4.14 1.24 -5.47
C ARG A 31 -3.80 -0.24 -5.29
N ARG A 32 -3.85 -0.98 -6.40
CA ARG A 32 -3.46 -2.38 -6.44
C ARG A 32 -1.99 -2.53 -6.03
N ALA A 33 -1.14 -1.67 -6.57
CA ALA A 33 0.28 -1.67 -6.24
C ALA A 33 0.50 -1.33 -4.77
N ILE A 34 -0.34 -0.44 -4.24
CA ILE A 34 -0.28 -0.07 -2.85
C ILE A 34 -0.71 -1.24 -1.96
N GLN A 35 -1.73 -1.95 -2.40
CA GLN A 35 -2.21 -3.12 -1.68
C GLN A 35 -1.17 -4.24 -1.76
N LEU A 36 -0.42 -4.24 -2.85
CA LEU A 36 0.62 -5.23 -3.06
C LEU A 36 1.72 -5.06 -2.01
N SER A 37 2.15 -3.82 -1.80
CA SER A 37 3.16 -3.51 -0.79
C SER A 37 2.62 -3.75 0.63
N MET A 38 1.30 -3.92 0.75
CA MET A 38 0.70 -4.29 2.01
C MET A 38 0.72 -5.81 2.16
N GLN A 39 0.05 -6.48 1.23
CA GLN A 39 -0.02 -7.92 1.21
C GLN A 39 0.23 -8.44 -0.20
N GLY A 40 1.21 -9.32 -0.34
CA GLY A 40 1.54 -9.85 -1.65
C GLY A 40 2.94 -10.43 -1.68
N SER A 41 3.47 -10.64 -2.87
CA SER A 41 4.79 -11.22 -3.02
C SER A 41 5.74 -10.26 -3.72
N SER A 42 7.02 -10.58 -3.66
CA SER A 42 8.04 -9.85 -4.40
C SER A 42 9.10 -10.83 -4.88
N ARG A 43 10.08 -10.35 -5.65
CA ARG A 43 11.10 -11.22 -6.21
C ARG A 43 11.88 -11.96 -5.12
N ASN A 44 12.72 -11.24 -4.40
CA ASN A 44 13.51 -11.83 -3.34
C ASN A 44 12.93 -11.43 -1.98
N LEU A 45 11.61 -11.49 -1.89
CA LEU A 45 10.90 -11.14 -0.67
C LEU A 45 9.66 -12.00 -0.53
N GLU A 46 9.50 -12.61 0.63
CA GLU A 46 8.39 -13.50 0.88
C GLU A 46 7.52 -12.96 2.02
N GLY A 1 14.49 -5.99 15.00
CA GLY A 1 13.02 -5.87 14.82
C GLY A 1 12.48 -4.55 15.32
N SER A 2 11.16 -4.49 15.52
CA SER A 2 10.49 -3.30 16.02
C SER A 2 10.69 -2.10 15.11
N LEU A 3 10.30 -2.23 13.85
CA LEU A 3 10.36 -1.12 12.91
C LEU A 3 8.98 -0.54 12.71
N ASP A 4 8.17 -0.75 13.73
CA ASP A 4 6.78 -0.32 13.74
C ASP A 4 6.68 1.19 13.61
N GLU A 5 7.62 1.89 14.23
CA GLU A 5 7.65 3.34 14.21
C GLU A 5 7.66 3.86 12.78
N ASP A 6 8.36 3.15 11.90
CA ASP A 6 8.38 3.48 10.47
C ASP A 6 7.18 2.87 9.76
N GLU A 7 6.85 1.64 10.13
CA GLU A 7 5.76 0.90 9.49
C GLU A 7 4.43 1.66 9.57
N GLU A 8 4.16 2.26 10.72
CA GLU A 8 2.91 3.01 10.92
C GLU A 8 2.79 4.14 9.90
N ASP A 9 3.86 4.90 9.71
CA ASP A 9 3.86 6.00 8.74
C ASP A 9 3.89 5.46 7.32
N LEU A 10 4.52 4.30 7.14
CA LEU A 10 4.55 3.63 5.85
C LEU A 10 3.13 3.22 5.47
N GLN A 11 2.44 2.56 6.39
CA GLN A 11 1.06 2.16 6.17
C GLN A 11 0.17 3.38 6.01
N ARG A 12 0.49 4.45 6.74
CA ARG A 12 -0.22 5.71 6.58
C ARG A 12 -0.10 6.20 5.15
N ALA A 13 1.12 6.18 4.60
CA ALA A 13 1.37 6.62 3.24
C ALA A 13 0.57 5.78 2.24
N LEU A 14 0.49 4.48 2.52
CA LEU A 14 -0.28 3.57 1.67
C LEU A 14 -1.76 3.91 1.72
N ALA A 15 -2.30 4.04 2.93
CA ALA A 15 -3.70 4.39 3.11
C ALA A 15 -3.97 5.82 2.61
N LEU A 16 -2.97 6.67 2.78
CA LEU A 16 -3.03 8.04 2.29
C LEU A 16 -3.27 8.03 0.78
N SER A 17 -2.46 7.25 0.07
CA SER A 17 -2.62 7.13 -1.37
C SER A 17 -3.95 6.49 -1.73
N ARG A 18 -4.47 5.64 -0.85
CA ARG A 18 -5.75 4.99 -1.06
C ARG A 18 -6.88 6.02 -1.10
N GLN A 19 -6.89 6.91 -0.12
CA GLN A 19 -7.91 7.96 -0.05
C GLN A 19 -7.65 9.03 -1.11
N GLU A 20 -6.46 8.98 -1.70
CA GLU A 20 -6.10 9.87 -2.80
C GLU A 20 -6.67 9.35 -4.11
N ILE A 21 -7.02 8.06 -4.13
CA ILE A 21 -7.56 7.45 -5.33
C ILE A 21 -9.02 7.85 -5.51
N ASP A 22 -9.92 7.13 -4.81
CA ASP A 22 -11.37 7.32 -4.92
C ASP A 22 -11.75 7.61 -6.38
N MET A 23 -11.37 6.71 -7.26
CA MET A 23 -11.49 6.94 -8.69
C MET A 23 -12.39 5.87 -9.31
N GLU A 24 -12.97 6.18 -10.46
CA GLU A 24 -13.92 5.30 -11.11
C GLU A 24 -13.21 4.32 -12.06
N ASP A 25 -12.17 4.80 -12.74
CA ASP A 25 -11.44 3.96 -13.69
C ASP A 25 -9.95 3.96 -13.35
N GLU A 26 -9.26 2.88 -13.74
CA GLU A 26 -7.81 2.72 -13.54
C GLU A 26 -7.45 2.47 -12.07
N GLU A 27 -8.39 2.79 -11.18
CA GLU A 27 -8.17 2.66 -9.74
C GLU A 27 -7.71 1.27 -9.34
N ALA A 28 -8.07 0.26 -10.13
CA ALA A 28 -7.71 -1.12 -9.87
C ALA A 28 -6.19 -1.29 -9.81
N ASP A 29 -5.51 -0.72 -10.80
CA ASP A 29 -4.06 -0.84 -10.91
C ASP A 29 -3.36 -0.09 -9.77
N LEU A 30 -3.81 1.14 -9.54
CA LEU A 30 -3.24 1.97 -8.49
C LEU A 30 -3.50 1.35 -7.12
N ARG A 31 -4.69 0.81 -6.93
CA ARG A 31 -5.03 0.10 -5.70
C ARG A 31 -4.10 -1.08 -5.51
N ARG A 32 -3.91 -1.84 -6.58
CA ARG A 32 -3.06 -3.02 -6.56
C ARG A 32 -1.63 -2.65 -6.23
N ALA A 33 -1.15 -1.53 -6.75
CA ALA A 33 0.21 -1.06 -6.49
C ALA A 33 0.42 -0.84 -5.00
N ILE A 34 -0.56 -0.21 -4.35
CA ILE A 34 -0.48 0.06 -2.92
C ILE A 34 -0.56 -1.24 -2.14
N GLN A 35 -1.43 -2.15 -2.61
CA GLN A 35 -1.64 -3.42 -1.94
C GLN A 35 -0.43 -4.34 -2.10
N LEU A 36 0.21 -4.28 -3.27
CA LEU A 36 1.42 -5.07 -3.52
C LEU A 36 2.55 -4.61 -2.62
N SER A 37 2.64 -3.31 -2.38
CA SER A 37 3.62 -2.74 -1.47
C SER A 37 3.42 -3.24 -0.04
N MET A 38 2.29 -3.90 0.20
CA MET A 38 2.00 -4.47 1.51
C MET A 38 2.44 -5.93 1.56
N GLN A 39 2.93 -6.44 0.43
CA GLN A 39 3.40 -7.82 0.36
C GLN A 39 4.92 -7.86 0.34
N GLY A 40 5.48 -9.05 0.49
CA GLY A 40 6.92 -9.19 0.40
C GLY A 40 7.44 -10.42 1.14
N SER A 41 7.87 -10.23 2.36
CA SER A 41 8.54 -11.27 3.12
C SER A 41 7.55 -12.18 3.85
N SER A 42 6.83 -12.99 3.08
CA SER A 42 5.92 -13.98 3.64
C SER A 42 6.69 -14.99 4.49
N ARG A 43 7.86 -15.38 4.00
CA ARG A 43 8.72 -16.33 4.70
C ARG A 43 10.15 -16.25 4.16
N ASN A 44 10.48 -15.11 3.56
CA ASN A 44 11.75 -14.97 2.88
C ASN A 44 12.30 -13.57 3.07
N LEU A 45 13.58 -13.47 3.40
CA LEU A 45 14.24 -12.19 3.69
C LEU A 45 13.76 -11.61 5.02
N GLU A 46 14.39 -12.04 6.10
CA GLU A 46 14.10 -11.56 7.45
C GLU A 46 12.66 -11.90 7.88
#